data_4OJK
#
_entry.id   4OJK
#
_cell.length_a   136.007
_cell.length_b   136.007
_cell.length_c   76.997
_cell.angle_alpha   90.00
_cell.angle_beta   90.00
_cell.angle_gamma   90.00
#
_symmetry.space_group_name_H-M   'P 43 21 2'
#
loop_
_entity.id
_entity.type
_entity.pdbx_description
1 polymer 'Ras-related protein Rab-11B'
2 polymer 'cGMP-dependent protein kinase 2'
3 non-polymer "GUANOSINE-5'-DIPHOSPHATE"
4 water water
#
loop_
_entity_poly.entity_id
_entity_poly.type
_entity_poly.pdbx_seq_one_letter_code
_entity_poly.pdbx_strand_id
1 'polypeptide(L)'
;GSYDYLFKVVLIGDSGVGKSNLLSRFTRNEFNLESKSTIGVEFATRSIQVDGKTIKAQIWDTAGQERYRAITSAYYRGAV
GALLVYDIAKHLTYENVERWLKELRDHADSNIVIMLVGNKSDLRHLRAVPTDEARAFAEKNNLSFIETSALDSTNVEEAF
KNILTEIYRIVSQKQIADRAAHDESPGNNVVDISVPPTTD
;
A,B
2 'polypeptide(L)' GSKDAELQEREYHLKELREQLAKQTVAIAELTEELQSKCIQLNKLQ C,D
#
# COMPACT_ATOMS: atom_id res chain seq x y z
N GLY A 1 32.22 -3.83 -1.16
CA GLY A 1 32.48 -2.97 -2.30
C GLY A 1 31.91 -1.58 -2.12
N SER A 2 31.84 -0.83 -3.22
CA SER A 2 31.31 0.53 -3.19
C SER A 2 29.81 0.55 -3.45
N TYR A 3 29.30 1.70 -3.87
CA TYR A 3 27.87 1.85 -4.11
C TYR A 3 27.60 3.03 -5.04
N ASP A 4 26.37 3.12 -5.54
CA ASP A 4 26.01 4.17 -6.48
C ASP A 4 25.23 5.28 -5.78
N TYR A 5 24.58 4.93 -4.68
CA TYR A 5 23.83 5.90 -3.89
C TYR A 5 23.91 5.56 -2.41
N LEU A 6 23.92 6.58 -1.58
CA LEU A 6 23.77 6.40 -0.15
C LEU A 6 22.51 7.12 0.30
N PHE A 7 21.56 6.37 0.86
CA PHE A 7 20.32 6.96 1.34
C PHE A 7 20.14 6.77 2.84
N LYS A 8 19.79 7.84 3.55
CA LYS A 8 19.53 7.75 4.97
C LYS A 8 18.05 7.54 5.25
N VAL A 9 17.74 6.46 5.97
CA VAL A 9 16.37 6.15 6.33
C VAL A 9 16.27 6.04 7.85
N VAL A 10 15.25 6.67 8.43
CA VAL A 10 15.10 6.66 9.88
C VAL A 10 13.91 5.82 10.35
N LEU A 11 14.07 5.18 11.50
CA LEU A 11 13.01 4.41 12.11
C LEU A 11 12.39 5.21 13.25
N ILE A 12 11.07 5.34 13.23
CA ILE A 12 10.38 6.22 14.18
C ILE A 12 9.14 5.56 14.76
N GLY A 13 8.94 5.74 16.07
CA GLY A 13 7.75 5.24 16.74
C GLY A 13 7.96 5.05 18.22
N ASP A 14 6.89 4.70 18.92
CA ASP A 14 6.95 4.43 20.36
C ASP A 14 7.97 3.35 20.66
N SER A 15 8.46 3.32 21.90
CA SER A 15 9.39 2.29 22.30
C SER A 15 8.67 0.96 22.38
N GLY A 16 9.32 -0.11 21.93
CA GLY A 16 8.75 -1.44 22.03
C GLY A 16 7.97 -1.90 20.82
N VAL A 17 7.84 -1.03 19.82
CA VAL A 17 7.12 -1.38 18.59
C VAL A 17 7.94 -2.29 17.69
N GLY A 18 9.27 -2.27 17.85
CA GLY A 18 10.14 -3.18 17.13
C GLY A 18 11.15 -2.51 16.20
N LYS A 19 11.45 -1.25 16.45
CA LYS A 19 12.37 -0.51 15.59
C LYS A 19 13.75 -1.15 15.53
N SER A 20 14.32 -1.46 16.69
CA SER A 20 15.66 -2.03 16.76
C SER A 20 15.73 -3.36 16.03
N ASN A 21 14.68 -4.17 16.16
CA ASN A 21 14.67 -5.48 15.53
C ASN A 21 14.45 -5.45 14.03
N LEU A 22 13.67 -4.47 13.56
CA LEU A 22 13.54 -4.24 12.13
C LEU A 22 14.90 -3.89 11.53
N LEU A 23 15.66 -3.07 12.26
CA LEU A 23 16.99 -2.68 11.84
C LEU A 23 17.96 -3.86 11.84
N SER A 24 17.93 -4.65 12.91
CA SER A 24 18.81 -5.81 13.05
C SER A 24 18.42 -6.94 12.09
N ARG A 25 17.13 -7.06 11.80
CA ARG A 25 16.66 -8.10 10.90
C ARG A 25 17.08 -7.80 9.46
N PHE A 26 17.00 -6.53 9.09
CA PHE A 26 17.33 -6.14 7.71
C PHE A 26 18.82 -6.08 7.44
N THR A 27 19.59 -5.59 8.41
CA THR A 27 21.02 -5.36 8.19
C THR A 27 21.90 -6.57 8.51
N ARG A 28 21.47 -7.39 9.47
CA ARG A 28 22.31 -8.50 9.92
C ARG A 28 21.54 -9.82 10.00
N ASN A 29 20.25 -9.77 9.71
CA ASN A 29 19.37 -10.93 9.87
C ASN A 29 19.44 -11.50 11.28
N GLU A 30 19.35 -10.61 12.27
CA GLU A 30 19.38 -11.01 13.67
C GLU A 30 18.19 -10.41 14.41
N PHE A 31 17.70 -11.15 15.40
CA PHE A 31 16.55 -10.70 16.18
C PHE A 31 16.81 -10.88 17.67
N ASN A 32 16.37 -9.90 18.46
CA ASN A 32 16.48 -9.99 19.91
C ASN A 32 15.12 -10.17 20.59
N LEU A 33 14.95 -11.31 21.26
CA LEU A 33 13.69 -11.61 21.94
C LEU A 33 13.46 -10.70 23.14
N GLU A 34 14.54 -10.16 23.70
CA GLU A 34 14.46 -9.38 24.92
C GLU A 34 14.40 -7.88 24.64
N SER A 35 14.23 -7.09 25.70
CA SER A 35 14.24 -5.64 25.59
C SER A 35 15.62 -5.14 25.21
N LYS A 36 15.67 -4.20 24.28
CA LYS A 36 16.94 -3.70 23.75
C LYS A 36 17.72 -2.88 24.78
N SER A 37 19.04 -2.83 24.61
CA SER A 37 19.89 -2.03 25.47
C SER A 37 19.91 -0.59 25.00
N THR A 38 19.38 0.31 25.83
CA THR A 38 19.37 1.73 25.49
C THR A 38 20.68 2.41 25.85
N ILE A 39 21.39 2.85 24.82
CA ILE A 39 22.62 3.60 24.98
C ILE A 39 22.60 4.76 23.98
N GLY A 40 23.77 5.28 23.64
CA GLY A 40 23.85 6.26 22.57
C GLY A 40 23.33 5.62 21.30
N VAL A 41 22.19 6.12 20.82
CA VAL A 41 21.49 5.49 19.69
C VAL A 41 22.39 5.27 18.48
N GLU A 42 22.11 4.19 17.75
CA GLU A 42 22.97 3.78 16.66
C GLU A 42 22.24 3.48 15.36
N PHE A 43 23.03 3.19 14.34
CA PHE A 43 22.53 2.98 12.99
C PHE A 43 23.26 1.80 12.39
N ALA A 44 22.78 1.34 11.24
CA ALA A 44 23.38 0.21 10.56
C ALA A 44 23.16 0.35 9.06
N THR A 45 23.92 -0.42 8.29
CA THR A 45 23.87 -0.30 6.83
C THR A 45 23.61 -1.62 6.15
N ARG A 46 23.08 -1.53 4.94
CA ARG A 46 22.82 -2.69 4.10
C ARG A 46 22.72 -2.19 2.66
N SER A 47 23.30 -2.94 1.73
CA SER A 47 23.23 -2.57 0.32
C SER A 47 22.27 -3.48 -0.44
N ILE A 48 21.40 -2.87 -1.24
CA ILE A 48 20.52 -3.62 -2.12
C ILE A 48 20.67 -3.10 -3.54
N GLN A 49 20.12 -3.84 -4.50
CA GLN A 49 20.20 -3.45 -5.90
C GLN A 49 18.86 -2.89 -6.37
N VAL A 50 18.89 -1.69 -6.93
CA VAL A 50 17.71 -1.06 -7.50
C VAL A 50 18.05 -0.52 -8.89
N ASP A 51 17.44 -1.11 -9.91
CA ASP A 51 17.68 -0.72 -11.30
C ASP A 51 19.16 -0.79 -11.68
N GLY A 52 19.84 -1.82 -11.21
CA GLY A 52 21.26 -2.01 -11.52
C GLY A 52 22.18 -1.20 -10.62
N LYS A 53 21.67 -0.10 -10.08
CA LYS A 53 22.45 0.77 -9.21
C LYS A 53 22.54 0.19 -7.80
N THR A 54 23.74 0.15 -7.25
CA THR A 54 23.93 -0.31 -5.88
C THR A 54 23.55 0.78 -4.90
N ILE A 55 22.48 0.53 -4.14
CA ILE A 55 21.97 1.51 -3.20
C ILE A 55 22.33 1.11 -1.77
N LYS A 56 23.16 1.91 -1.12
CA LYS A 56 23.52 1.64 0.26
C LYS A 56 22.64 2.45 1.21
N ALA A 57 21.97 1.74 2.11
CA ALA A 57 21.06 2.40 3.04
C ALA A 57 21.72 2.56 4.41
N GLN A 58 21.67 3.78 4.95
CA GLN A 58 22.12 4.04 6.31
C GLN A 58 20.90 4.20 7.20
N ILE A 59 20.54 3.13 7.90
CA ILE A 59 19.28 3.10 8.63
C ILE A 59 19.46 3.38 10.13
N TRP A 60 18.67 4.32 10.64
CA TRP A 60 18.84 4.80 12.00
C TRP A 60 17.70 4.39 12.92
N ASP A 61 18.07 4.03 14.14
CA ASP A 61 17.11 3.90 15.22
C ASP A 61 17.13 5.24 15.94
N THR A 62 15.96 5.84 16.16
CA THR A 62 15.89 7.18 16.74
C THR A 62 15.30 7.18 18.14
N ALA A 63 15.49 6.07 18.86
CA ALA A 63 14.90 5.90 20.18
C ALA A 63 15.47 6.85 21.23
N GLY A 64 16.80 6.96 21.26
CA GLY A 64 17.48 7.76 22.28
C GLY A 64 17.31 9.25 22.12
N GLN A 65 16.66 9.67 21.03
CA GLN A 65 16.19 11.04 20.88
C GLN A 65 15.32 11.36 22.10
N GLU A 66 15.41 12.60 22.58
CA GLU A 66 14.80 13.02 23.85
C GLU A 66 15.49 12.37 25.04
N ARG A 67 16.81 12.27 24.93
CA ARG A 67 17.72 11.82 25.98
C ARG A 67 19.05 12.35 25.48
N TYR A 68 19.11 12.53 24.17
CA TYR A 68 20.14 13.30 23.50
C TYR A 68 19.40 14.41 22.76
N ARG A 69 18.46 15.02 23.46
CA ARG A 69 17.52 15.98 22.86
C ARG A 69 18.20 17.14 22.12
N ALA A 70 19.36 17.55 22.62
CA ALA A 70 20.14 18.61 21.99
C ALA A 70 20.48 18.30 20.53
N ILE A 71 20.64 17.01 20.20
CA ILE A 71 21.06 16.62 18.86
C ILE A 71 19.96 15.90 18.06
N THR A 72 18.71 16.21 18.39
CA THR A 72 17.57 15.63 17.70
C THR A 72 17.67 15.86 16.19
N SER A 73 18.20 17.03 15.81
CA SER A 73 18.36 17.38 14.41
C SER A 73 19.27 16.40 13.67
N ALA A 74 20.22 15.80 14.38
CA ALA A 74 21.15 14.87 13.77
C ALA A 74 20.46 13.59 13.27
N TYR A 75 19.43 13.14 13.98
CA TYR A 75 18.70 11.94 13.59
C TYR A 75 17.98 12.14 12.28
N TYR A 76 17.44 13.34 12.07
CA TYR A 76 16.60 13.60 10.91
C TYR A 76 17.38 14.23 9.77
N ARG A 77 18.62 14.64 10.02
CA ARG A 77 19.40 15.37 9.03
C ARG A 77 19.82 14.49 7.85
N GLY A 78 19.42 14.89 6.65
CA GLY A 78 19.76 14.15 5.45
C GLY A 78 18.90 12.92 5.24
N ALA A 79 17.94 12.69 6.13
CA ALA A 79 17.06 11.53 6.02
C ALA A 79 16.12 11.70 4.84
N VAL A 80 16.15 10.74 3.91
CA VAL A 80 15.30 10.80 2.72
C VAL A 80 14.14 9.83 2.85
N GLY A 81 14.22 8.93 3.82
CA GLY A 81 13.16 7.96 4.06
C GLY A 81 12.85 7.84 5.54
N ALA A 82 11.61 7.49 5.85
CA ALA A 82 11.20 7.31 7.24
C ALA A 82 10.23 6.15 7.39
N LEU A 83 10.51 5.27 8.36
CA LEU A 83 9.58 4.21 8.70
C LEU A 83 8.84 4.56 9.99
N LEU A 84 7.57 4.91 9.85
CA LEU A 84 6.72 5.21 10.99
C LEU A 84 6.17 3.90 11.53
N VAL A 85 6.70 3.43 12.65
CA VAL A 85 6.42 2.08 13.15
C VAL A 85 5.50 2.06 14.36
N TYR A 86 4.51 1.17 14.32
CA TYR A 86 3.63 0.95 15.47
C TYR A 86 3.43 -0.54 15.70
N ASP A 87 2.78 -0.87 16.82
CA ASP A 87 2.51 -2.25 17.20
C ASP A 87 1.05 -2.55 16.89
N ILE A 88 0.80 -3.56 16.05
CA ILE A 88 -0.58 -3.89 15.67
C ILE A 88 -1.38 -4.46 16.84
N ALA A 89 -0.67 -4.90 17.88
CA ALA A 89 -1.33 -5.45 19.07
C ALA A 89 -1.32 -4.45 20.23
N LYS A 90 -0.82 -3.25 19.98
CA LYS A 90 -0.89 -2.17 20.97
C LYS A 90 -1.45 -0.91 20.33
N HIS A 91 -2.75 -0.68 20.52
CA HIS A 91 -3.43 0.44 19.90
C HIS A 91 -2.81 1.79 20.28
N LEU A 92 -2.28 1.87 21.49
CA LEU A 92 -1.67 3.10 21.98
C LEU A 92 -0.52 3.57 21.10
N THR A 93 0.28 2.63 20.63
CA THR A 93 1.40 2.94 19.74
C THR A 93 0.89 3.44 18.40
N TYR A 94 -0.35 3.08 18.07
CA TYR A 94 -0.96 3.51 16.82
C TYR A 94 -1.55 4.91 16.91
N GLU A 95 -2.13 5.25 18.07
CA GLU A 95 -2.62 6.60 18.32
C GLU A 95 -1.48 7.60 18.17
N ASN A 96 -0.32 7.22 18.70
CA ASN A 96 0.84 8.11 18.73
C ASN A 96 1.51 8.30 17.39
N VAL A 97 0.99 7.63 16.37
CA VAL A 97 1.51 7.79 15.01
C VAL A 97 1.31 9.23 14.54
N GLU A 98 0.14 9.79 14.83
CA GLU A 98 -0.14 11.17 14.47
C GLU A 98 0.83 12.13 15.15
N ARG A 99 1.30 11.74 16.33
CA ARG A 99 2.28 12.53 17.08
C ARG A 99 3.65 12.50 16.40
N TRP A 100 4.12 11.31 16.08
CA TRP A 100 5.41 11.13 15.41
C TRP A 100 5.43 11.76 14.03
N LEU A 101 4.24 11.89 13.44
CA LEU A 101 4.10 12.48 12.12
C LEU A 101 4.35 13.98 12.17
N LYS A 102 3.82 14.63 13.22
CA LYS A 102 4.05 16.05 13.43
C LYS A 102 5.50 16.31 13.79
N GLU A 103 6.10 15.34 14.50
CA GLU A 103 7.52 15.38 14.81
C GLU A 103 8.32 15.40 13.52
N LEU A 104 7.94 14.53 12.59
CA LEU A 104 8.57 14.43 11.29
C LEU A 104 8.46 15.71 10.47
N ARG A 105 7.30 16.34 10.53
CA ARG A 105 7.03 17.56 9.76
C ARG A 105 7.99 18.68 10.14
N ASP A 106 8.20 18.83 11.44
CA ASP A 106 9.08 19.89 11.95
C ASP A 106 10.54 19.60 11.67
N HIS A 107 10.99 18.41 12.07
CA HIS A 107 12.41 18.09 12.07
C HIS A 107 12.96 17.62 10.72
N ALA A 108 12.11 17.04 9.89
CA ALA A 108 12.57 16.50 8.62
C ALA A 108 12.22 17.36 7.41
N ASP A 109 12.77 16.98 6.26
CA ASP A 109 12.47 17.63 4.99
C ASP A 109 11.00 17.45 4.63
N SER A 110 10.42 18.47 4.00
CA SER A 110 9.01 18.47 3.64
C SER A 110 8.63 17.34 2.68
N ASN A 111 9.59 16.90 1.87
CA ASN A 111 9.31 15.85 0.89
C ASN A 111 10.06 14.54 1.17
N ILE A 112 10.17 14.20 2.45
CA ILE A 112 10.74 12.92 2.84
C ILE A 112 9.74 11.80 2.54
N VAL A 113 10.24 10.64 2.13
CA VAL A 113 9.38 9.50 1.86
C VAL A 113 9.05 8.77 3.17
N ILE A 114 7.76 8.74 3.50
CA ILE A 114 7.30 8.13 4.75
C ILE A 114 6.48 6.87 4.48
N MET A 115 6.84 5.79 5.16
CA MET A 115 6.05 4.57 5.09
C MET A 115 5.53 4.20 6.48
N LEU A 116 4.23 3.96 6.57
CA LEU A 116 3.62 3.55 7.82
C LEU A 116 3.77 2.04 7.99
N VAL A 117 4.36 1.63 9.11
CA VAL A 117 4.62 0.21 9.33
C VAL A 117 3.94 -0.32 10.58
N GLY A 118 3.11 -1.33 10.41
CA GLY A 118 2.54 -2.06 11.53
C GLY A 118 3.36 -3.32 11.76
N ASN A 119 4.17 -3.32 12.81
CA ASN A 119 5.01 -4.45 13.12
C ASN A 119 4.29 -5.46 14.02
N LYS A 120 4.90 -6.64 14.17
CA LYS A 120 4.37 -7.74 14.98
C LYS A 120 3.10 -8.32 14.39
N SER A 121 3.09 -8.46 13.06
CA SER A 121 1.95 -9.05 12.35
C SER A 121 1.73 -10.49 12.79
N ASP A 122 2.79 -11.11 13.31
CA ASP A 122 2.71 -12.47 13.84
C ASP A 122 1.77 -12.55 15.06
N LEU A 123 1.51 -11.39 15.67
CA LEU A 123 0.60 -11.33 16.81
C LEU A 123 -0.80 -10.96 16.37
N ARG A 124 -1.20 -11.45 15.19
CA ARG A 124 -2.49 -11.09 14.61
C ARG A 124 -3.66 -11.60 15.43
N HIS A 125 -3.43 -12.59 16.29
CA HIS A 125 -4.49 -13.11 17.16
C HIS A 125 -4.76 -12.16 18.32
N LEU A 126 -3.98 -11.09 18.40
CA LEU A 126 -4.16 -10.05 19.41
C LEU A 126 -4.27 -8.69 18.74
N ARG A 127 -4.67 -8.70 17.47
CA ARG A 127 -4.71 -7.47 16.68
C ARG A 127 -5.57 -6.40 17.32
N ALA A 128 -4.95 -5.26 17.62
CA ALA A 128 -5.64 -4.14 18.23
C ALA A 128 -5.90 -3.06 17.19
N VAL A 129 -5.11 -3.09 16.12
CA VAL A 129 -5.26 -2.12 15.04
C VAL A 129 -5.61 -2.83 13.74
N PRO A 130 -6.86 -2.66 13.28
CA PRO A 130 -7.31 -3.25 12.01
C PRO A 130 -6.51 -2.69 10.84
N THR A 131 -6.16 -3.55 9.90
CA THR A 131 -5.37 -3.16 8.73
C THR A 131 -6.06 -2.09 7.90
N ASP A 132 -7.35 -2.27 7.65
CA ASP A 132 -8.13 -1.33 6.84
C ASP A 132 -8.06 0.09 7.39
N GLU A 133 -8.17 0.21 8.70
CA GLU A 133 -8.14 1.52 9.35
C GLU A 133 -6.76 2.15 9.21
N ALA A 134 -5.73 1.36 9.41
CA ALA A 134 -4.36 1.83 9.33
C ALA A 134 -3.99 2.23 7.90
N ARG A 135 -4.37 1.39 6.95
CA ARG A 135 -4.12 1.66 5.54
C ARG A 135 -4.81 2.96 5.12
N ALA A 136 -6.04 3.15 5.60
CA ALA A 136 -6.80 4.36 5.31
C ALA A 136 -6.11 5.60 5.86
N PHE A 137 -5.55 5.48 7.07
CA PHE A 137 -4.81 6.56 7.68
C PHE A 137 -3.61 6.94 6.81
N ALA A 138 -2.91 5.92 6.32
CA ALA A 138 -1.77 6.13 5.43
C ALA A 138 -2.21 6.83 4.16
N GLU A 139 -3.41 6.49 3.69
CA GLU A 139 -3.96 7.12 2.49
C GLU A 139 -4.37 8.56 2.78
N LYS A 140 -4.93 8.79 3.96
CA LYS A 140 -5.34 10.13 4.36
C LYS A 140 -4.15 11.07 4.56
N ASN A 141 -3.03 10.54 5.00
CA ASN A 141 -1.83 11.35 5.23
C ASN A 141 -0.73 11.12 4.19
N ASN A 142 -1.12 10.61 3.02
CA ASN A 142 -0.20 10.36 1.92
C ASN A 142 1.01 9.50 2.29
N LEU A 143 0.77 8.46 3.08
CA LEU A 143 1.84 7.58 3.52
C LEU A 143 1.75 6.22 2.82
N SER A 144 2.90 5.60 2.59
CA SER A 144 2.93 4.21 2.14
C SER A 144 2.56 3.34 3.33
N PHE A 145 2.19 2.10 3.09
CA PHE A 145 1.74 1.22 4.18
C PHE A 145 2.11 -0.24 3.98
N ILE A 146 2.61 -0.86 5.05
CA ILE A 146 2.90 -2.29 5.04
C ILE A 146 2.84 -2.84 6.46
N GLU A 147 2.52 -4.13 6.58
CA GLU A 147 2.56 -4.81 7.87
C GLU A 147 3.71 -5.80 7.88
N THR A 148 4.51 -5.77 8.94
CA THR A 148 5.70 -6.60 9.02
C THR A 148 5.74 -7.47 10.26
N SER A 149 6.68 -8.40 10.27
CA SER A 149 7.01 -9.15 11.48
C SER A 149 8.52 -9.35 11.53
N ALA A 150 9.21 -8.54 12.32
CA ALA A 150 10.65 -8.67 12.48
C ALA A 150 11.00 -10.05 13.02
N LEU A 151 10.11 -10.60 13.85
CA LEU A 151 10.32 -11.92 14.44
C LEU A 151 10.29 -13.02 13.39
N ASP A 152 9.22 -13.05 12.59
CA ASP A 152 9.08 -14.07 11.55
C ASP A 152 9.83 -13.67 10.28
N SER A 153 10.42 -12.48 10.29
CA SER A 153 11.08 -11.90 9.12
C SER A 153 10.11 -11.86 7.93
N THR A 154 8.95 -11.27 8.16
CA THR A 154 7.90 -11.17 7.15
C THR A 154 7.75 -9.72 6.70
N ASN A 155 7.86 -9.51 5.38
CA ASN A 155 7.77 -8.18 4.77
C ASN A 155 8.82 -7.17 5.22
N VAL A 156 9.84 -7.64 5.95
CA VAL A 156 10.90 -6.75 6.41
C VAL A 156 11.73 -6.29 5.21
N GLU A 157 12.23 -7.25 4.44
CA GLU A 157 12.97 -6.95 3.21
C GLU A 157 12.15 -6.09 2.26
N GLU A 158 10.89 -6.46 2.08
CA GLU A 158 10.01 -5.74 1.17
CA GLU A 158 10.02 -5.74 1.17
C GLU A 158 9.79 -4.31 1.62
N ALA A 159 9.57 -4.12 2.92
CA ALA A 159 9.34 -2.80 3.49
C ALA A 159 10.47 -1.83 3.15
N PHE A 160 11.71 -2.25 3.40
CA PHE A 160 12.86 -1.41 3.11
C PHE A 160 13.10 -1.23 1.62
N LYS A 161 13.02 -2.33 0.86
CA LYS A 161 13.23 -2.26 -0.58
C LYS A 161 12.19 -1.38 -1.26
N ASN A 162 10.96 -1.38 -0.74
CA ASN A 162 9.92 -0.50 -1.26
C ASN A 162 10.28 0.98 -1.12
N ILE A 163 10.62 1.38 0.11
CA ILE A 163 10.91 2.78 0.38
C ILE A 163 12.20 3.23 -0.32
N LEU A 164 13.20 2.37 -0.37
CA LEU A 164 14.46 2.69 -1.02
C LEU A 164 14.26 2.84 -2.53
N THR A 165 13.45 1.96 -3.11
CA THR A 165 13.12 2.06 -4.52
C THR A 165 12.41 3.37 -4.81
N GLU A 166 11.40 3.69 -4.00
CA GLU A 166 10.63 4.91 -4.17
C GLU A 166 11.53 6.15 -4.08
N ILE A 167 12.47 6.13 -3.15
CA ILE A 167 13.42 7.23 -3.01
C ILE A 167 14.28 7.36 -4.25
N TYR A 168 14.81 6.23 -4.71
CA TYR A 168 15.65 6.20 -5.90
C TYR A 168 14.92 6.72 -7.13
N ARG A 169 13.68 6.27 -7.31
CA ARG A 169 12.86 6.69 -8.45
C ARG A 169 12.65 8.19 -8.47
N ILE A 170 12.62 8.79 -7.28
CA ILE A 170 12.42 10.23 -7.17
C ILE A 170 13.68 11.01 -7.57
N VAL A 171 14.83 10.59 -7.06
CA VAL A 171 16.08 11.29 -7.36
C VAL A 171 16.58 11.01 -8.78
N SER A 172 16.08 9.92 -9.38
CA SER A 172 16.46 9.57 -10.75
C SER A 172 15.61 10.34 -11.75
N GLN A 173 14.46 10.80 -11.30
CA GLN A 173 13.59 11.63 -12.12
C GLN A 173 13.97 13.10 -11.98
N LYS A 174 15.27 13.36 -11.86
CA LYS A 174 15.78 14.72 -11.72
C LYS A 174 16.86 15.01 -12.76
N SER B 2 -18.08 -27.51 -5.14
CA SER B 2 -18.01 -26.22 -5.81
C SER B 2 -18.25 -25.07 -4.84
N TYR B 3 -18.88 -24.01 -5.32
CA TYR B 3 -19.06 -22.80 -4.54
C TYR B 3 -20.36 -22.75 -3.73
N ASP B 4 -20.34 -21.93 -2.68
CA ASP B 4 -21.53 -21.67 -1.87
C ASP B 4 -22.27 -20.45 -2.40
N TYR B 5 -21.53 -19.40 -2.69
CA TYR B 5 -22.10 -18.17 -3.24
C TYR B 5 -21.48 -17.82 -4.59
N LEU B 6 -22.18 -17.01 -5.36
CA LEU B 6 -21.69 -16.54 -6.65
C LEU B 6 -21.96 -15.05 -6.79
N PHE B 7 -20.90 -14.25 -6.81
CA PHE B 7 -21.06 -12.80 -6.90
C PHE B 7 -20.56 -12.24 -8.23
N LYS B 8 -21.37 -11.39 -8.85
CA LYS B 8 -20.99 -10.70 -10.07
C LYS B 8 -20.38 -9.35 -9.75
N VAL B 9 -19.15 -9.13 -10.20
CA VAL B 9 -18.44 -7.89 -9.93
C VAL B 9 -17.93 -7.27 -11.24
N VAL B 10 -18.31 -6.03 -11.49
CA VAL B 10 -17.95 -5.38 -12.76
C VAL B 10 -16.81 -4.37 -12.58
N LEU B 11 -15.96 -4.27 -13.61
CA LEU B 11 -14.90 -3.29 -13.62
C LEU B 11 -15.24 -2.15 -14.57
N ILE B 12 -15.25 -0.92 -14.07
CA ILE B 12 -15.49 0.23 -14.92
C ILE B 12 -14.41 1.30 -14.76
N GLY B 13 -14.23 2.10 -15.81
CA GLY B 13 -13.21 3.13 -15.82
C GLY B 13 -12.68 3.36 -17.22
N ASP B 14 -12.00 4.48 -17.42
CA ASP B 14 -11.44 4.83 -18.71
C ASP B 14 -10.48 3.75 -19.23
N SER B 15 -10.30 3.73 -20.54
CA SER B 15 -9.46 2.71 -21.17
C SER B 15 -7.99 2.93 -20.87
N GLY B 16 -7.32 1.87 -20.44
CA GLY B 16 -5.88 1.93 -20.22
C GLY B 16 -5.47 2.08 -18.77
N VAL B 17 -6.44 2.06 -17.86
CA VAL B 17 -6.15 2.21 -16.44
C VAL B 17 -5.66 0.91 -15.81
N GLY B 18 -5.96 -0.21 -16.45
CA GLY B 18 -5.49 -1.50 -15.99
C GLY B 18 -6.59 -2.46 -15.58
N LYS B 19 -7.81 -2.18 -16.02
CA LYS B 19 -8.97 -3.02 -15.70
C LYS B 19 -8.75 -4.46 -16.11
N SER B 20 -8.37 -4.66 -17.37
CA SER B 20 -8.09 -5.99 -17.90
C SER B 20 -6.99 -6.69 -17.11
N ASN B 21 -5.94 -5.96 -16.76
CA ASN B 21 -4.83 -6.53 -16.03
C ASN B 21 -5.15 -6.82 -14.55
N LEU B 22 -6.05 -6.03 -13.99
CA LEU B 22 -6.54 -6.30 -12.63
C LEU B 22 -7.30 -7.61 -12.62
N LEU B 23 -8.05 -7.86 -13.68
CA LEU B 23 -8.83 -9.08 -13.81
C LEU B 23 -7.92 -10.30 -14.01
N SER B 24 -6.96 -10.19 -14.92
CA SER B 24 -6.07 -11.30 -15.24
C SER B 24 -5.19 -11.70 -14.06
N ARG B 25 -4.77 -10.72 -13.26
CA ARG B 25 -3.89 -10.99 -12.14
C ARG B 25 -4.62 -11.66 -10.99
N PHE B 26 -5.88 -11.29 -10.80
CA PHE B 26 -6.67 -11.87 -9.72
C PHE B 26 -7.13 -13.27 -10.06
N THR B 27 -7.53 -13.49 -11.30
CA THR B 27 -8.14 -14.74 -11.70
C THR B 27 -7.15 -15.82 -12.15
N ARG B 28 -5.98 -15.40 -12.63
CA ARG B 28 -4.99 -16.37 -13.09
C ARG B 28 -3.55 -15.90 -12.91
N ASN B 29 -3.35 -14.88 -12.08
CA ASN B 29 -2.03 -14.35 -11.77
C ASN B 29 -1.21 -13.99 -13.01
N GLU B 30 -1.85 -13.27 -13.92
CA GLU B 30 -1.19 -12.86 -15.17
C GLU B 30 -1.21 -11.35 -15.36
N PHE B 31 -0.09 -10.82 -15.86
CA PHE B 31 0.00 -9.42 -16.22
C PHE B 31 0.62 -9.30 -17.61
N ASN B 32 0.06 -8.42 -18.43
CA ASN B 32 0.58 -8.20 -19.78
C ASN B 32 0.67 -6.72 -20.16
N LEU B 33 1.18 -6.45 -21.35
CA LEU B 33 1.35 -5.08 -21.81
C LEU B 33 0.85 -4.92 -23.24
N GLU B 34 -0.45 -4.63 -23.38
CA GLU B 34 -1.06 -4.43 -24.68
C GLU B 34 -2.32 -3.59 -24.58
N ILE B 39 -13.03 -6.62 -29.16
CA ILE B 39 -13.04 -6.81 -27.72
C ILE B 39 -14.31 -7.53 -27.26
N GLY B 40 -15.42 -6.80 -27.24
CA GLY B 40 -16.67 -7.35 -26.74
C GLY B 40 -16.69 -7.33 -25.23
N VAL B 41 -17.50 -8.21 -24.64
CA VAL B 41 -17.59 -8.30 -23.19
C VAL B 41 -17.30 -9.71 -22.70
N GLU B 42 -16.34 -9.82 -21.78
CA GLU B 42 -15.97 -11.11 -21.22
C GLU B 42 -15.83 -11.03 -19.71
N PHE B 43 -15.63 -12.19 -19.08
CA PHE B 43 -15.48 -12.26 -17.63
C PHE B 43 -14.66 -13.47 -17.22
N ALA B 44 -14.13 -13.44 -16.01
CA ALA B 44 -13.36 -14.55 -15.49
C ALA B 44 -13.74 -14.83 -14.04
N THR B 45 -13.59 -16.08 -13.62
CA THR B 45 -13.98 -16.48 -12.28
C THR B 45 -12.80 -16.80 -11.37
N ARG B 46 -12.98 -16.52 -10.09
CA ARG B 46 -12.01 -16.87 -9.08
C ARG B 46 -12.78 -17.17 -7.80
N SER B 47 -12.41 -18.24 -7.11
CA SER B 47 -13.07 -18.59 -5.87
C SER B 47 -12.17 -18.30 -4.66
N ILE B 48 -12.75 -17.69 -3.64
CA ILE B 48 -12.03 -17.45 -2.40
C ILE B 48 -12.86 -17.94 -1.22
N GLN B 49 -12.22 -18.06 -0.06
CA GLN B 49 -12.91 -18.47 1.16
C GLN B 49 -13.24 -17.28 2.03
N VAL B 50 -14.51 -17.16 2.42
CA VAL B 50 -14.94 -16.11 3.34
C VAL B 50 -15.88 -16.71 4.39
N ASP B 51 -15.44 -16.69 5.65
CA ASP B 51 -16.22 -17.27 6.75
C ASP B 51 -16.53 -18.74 6.54
N GLY B 52 -15.54 -19.50 6.08
CA GLY B 52 -15.73 -20.93 5.84
C GLY B 52 -16.58 -21.24 4.63
N LYS B 53 -17.02 -20.18 3.94
CA LYS B 53 -17.84 -20.34 2.75
C LYS B 53 -16.99 -20.16 1.49
N THR B 54 -17.35 -20.87 0.42
CA THR B 54 -16.67 -20.70 -0.85
C THR B 54 -17.38 -19.62 -1.67
N ILE B 55 -16.71 -18.50 -1.88
CA ILE B 55 -17.27 -17.42 -2.68
C ILE B 55 -16.70 -17.44 -4.09
N LYS B 56 -17.54 -17.71 -5.08
CA LYS B 56 -17.11 -17.66 -6.46
C LYS B 56 -17.44 -16.29 -7.04
N ALA B 57 -16.42 -15.56 -7.47
CA ALA B 57 -16.61 -14.25 -8.06
C ALA B 57 -16.43 -14.32 -9.57
N GLN B 58 -17.44 -13.90 -10.33
CA GLN B 58 -17.24 -13.69 -11.75
C GLN B 58 -17.03 -12.20 -12.02
N ILE B 59 -15.80 -11.86 -12.40
CA ILE B 59 -15.41 -10.48 -12.59
C ILE B 59 -15.58 -10.08 -14.05
N TRP B 60 -16.37 -9.04 -14.31
CA TRP B 60 -16.64 -8.60 -15.68
C TRP B 60 -15.77 -7.42 -16.08
N ASP B 61 -15.37 -7.39 -17.35
CA ASP B 61 -14.56 -6.31 -17.88
C ASP B 61 -15.15 -5.78 -19.18
N THR B 62 -15.11 -4.46 -19.35
CA THR B 62 -15.58 -3.74 -20.54
C THR B 62 -16.85 -4.33 -21.18
N ILE B 71 -26.46 -2.57 -24.35
CA ILE B 71 -25.74 -3.60 -23.59
C ILE B 71 -25.23 -3.09 -22.25
N THR B 72 -25.24 -1.77 -22.08
CA THR B 72 -24.76 -1.17 -20.84
C THR B 72 -25.60 -1.60 -19.66
N SER B 73 -26.89 -1.82 -19.91
CA SER B 73 -27.81 -2.26 -18.86
C SER B 73 -27.60 -3.73 -18.49
N ALA B 74 -27.25 -4.54 -19.49
CA ALA B 74 -26.99 -5.96 -19.25
C ALA B 74 -25.70 -6.14 -18.47
N TYR B 75 -24.75 -5.23 -18.71
CA TYR B 75 -23.45 -5.28 -18.05
C TYR B 75 -23.58 -5.09 -16.55
N TYR B 76 -24.47 -4.20 -16.13
CA TYR B 76 -24.68 -3.94 -14.71
C TYR B 76 -25.74 -4.84 -14.09
N ARG B 77 -26.49 -5.55 -14.93
CA ARG B 77 -27.60 -6.38 -14.45
C ARG B 77 -27.13 -7.50 -13.52
N GLY B 78 -27.60 -7.45 -12.29
CA GLY B 78 -27.27 -8.46 -11.29
C GLY B 78 -25.92 -8.25 -10.64
N ALA B 79 -25.25 -7.15 -10.95
CA ALA B 79 -23.95 -6.87 -10.36
C ALA B 79 -24.09 -6.44 -8.91
N VAL B 80 -23.41 -7.16 -8.02
CA VAL B 80 -23.48 -6.87 -6.59
C VAL B 80 -22.25 -6.10 -6.12
N GLY B 81 -21.29 -5.92 -7.03
CA GLY B 81 -20.06 -5.20 -6.71
C GLY B 81 -19.49 -4.50 -7.93
N ALA B 82 -18.77 -3.41 -7.69
CA ALA B 82 -18.18 -2.65 -8.79
C ALA B 82 -16.86 -2.03 -8.38
N LEU B 83 -15.83 -2.26 -9.18
CA LEU B 83 -14.53 -1.62 -8.99
C LEU B 83 -14.35 -0.48 -9.96
N LEU B 84 -14.44 0.74 -9.44
CA LEU B 84 -14.25 1.95 -10.25
C LEU B 84 -12.76 2.26 -10.32
N VAL B 85 -12.17 2.02 -11.48
CA VAL B 85 -10.71 2.07 -11.61
C VAL B 85 -10.21 3.30 -12.36
N TYR B 86 -9.17 3.94 -11.81
CA TYR B 86 -8.52 5.06 -12.48
C TYR B 86 -7.00 4.89 -12.48
N ASP B 87 -6.30 5.83 -13.09
CA ASP B 87 -4.85 5.81 -13.16
C ASP B 87 -4.29 6.92 -12.27
N ILE B 88 -3.45 6.56 -11.31
CA ILE B 88 -2.91 7.55 -10.37
C ILE B 88 -1.87 8.45 -11.02
N ALA B 89 -1.43 8.08 -12.21
CA ALA B 89 -0.44 8.89 -12.94
C ALA B 89 -1.09 9.68 -14.07
N LYS B 90 -2.38 9.43 -14.30
CA LYS B 90 -3.14 10.13 -15.34
C LYS B 90 -4.39 10.78 -14.75
N HIS B 91 -4.26 12.05 -14.37
CA HIS B 91 -5.32 12.76 -13.67
C HIS B 91 -6.64 12.83 -14.45
N LEU B 92 -6.54 12.72 -15.77
CA LEU B 92 -7.72 12.73 -16.63
C LEU B 92 -8.63 11.56 -16.30
N THR B 93 -8.03 10.41 -16.02
CA THR B 93 -8.78 9.21 -15.69
C THR B 93 -9.52 9.36 -14.37
N TYR B 94 -8.98 10.20 -13.49
CA TYR B 94 -9.59 10.43 -12.18
C TYR B 94 -10.69 11.49 -12.27
N GLU B 95 -10.53 12.46 -13.15
CA GLU B 95 -11.54 13.49 -13.34
C GLU B 95 -12.81 12.88 -13.93
N ASN B 96 -12.65 11.76 -14.62
CA ASN B 96 -13.77 11.06 -15.25
C ASN B 96 -14.48 10.06 -14.34
N VAL B 97 -13.97 9.92 -13.11
CA VAL B 97 -14.57 9.02 -12.14
C VAL B 97 -16.01 9.44 -11.84
N GLU B 98 -16.24 10.75 -11.79
CA GLU B 98 -17.57 11.29 -11.58
C GLU B 98 -18.56 10.78 -12.63
N ARG B 99 -18.11 10.71 -13.88
CA ARG B 99 -18.96 10.25 -14.97
C ARG B 99 -19.32 8.78 -14.83
N TRP B 100 -18.32 7.96 -14.50
CA TRP B 100 -18.53 6.53 -14.33
C TRP B 100 -19.44 6.23 -13.15
N LEU B 101 -19.30 7.00 -12.08
CA LEU B 101 -20.13 6.81 -10.89
C LEU B 101 -21.60 7.05 -11.21
N LYS B 102 -21.87 8.04 -12.07
CA LYS B 102 -23.23 8.36 -12.47
C LYS B 102 -23.85 7.24 -13.30
N GLU B 103 -23.03 6.65 -14.18
CA GLU B 103 -23.48 5.52 -14.97
C GLU B 103 -23.86 4.35 -14.07
N LEU B 104 -23.07 4.15 -13.02
CA LEU B 104 -23.36 3.14 -12.01
C LEU B 104 -24.68 3.44 -11.32
N ARG B 105 -24.81 4.65 -10.80
CA ARG B 105 -26.02 5.07 -10.09
C ARG B 105 -27.27 4.99 -10.96
N ASP B 106 -27.10 5.24 -12.26
CA ASP B 106 -28.23 5.23 -13.19
C ASP B 106 -28.63 3.82 -13.62
N HIS B 107 -27.64 2.96 -13.83
CA HIS B 107 -27.89 1.66 -14.46
C HIS B 107 -27.68 0.44 -13.55
N ALA B 108 -27.49 0.66 -12.25
CA ALA B 108 -27.25 -0.46 -11.34
C ALA B 108 -28.11 -0.42 -10.09
N ASP B 109 -27.95 -1.43 -9.24
CA ASP B 109 -28.72 -1.57 -8.02
C ASP B 109 -28.32 -0.53 -6.98
N SER B 110 -29.26 -0.15 -6.13
CA SER B 110 -29.02 0.88 -5.12
C SER B 110 -28.14 0.38 -3.97
N ASN B 111 -28.11 -0.94 -3.79
CA ASN B 111 -27.34 -1.53 -2.69
C ASN B 111 -26.04 -2.16 -3.17
N ILE B 112 -25.58 -1.77 -4.35
CA ILE B 112 -24.33 -2.30 -4.91
C ILE B 112 -23.13 -1.79 -4.11
N VAL B 113 -22.17 -2.68 -3.88
CA VAL B 113 -20.94 -2.29 -3.20
C VAL B 113 -19.93 -1.74 -4.19
N ILE B 114 -19.47 -0.52 -3.94
CA ILE B 114 -18.56 0.14 -4.87
C ILE B 114 -17.21 0.44 -4.24
N MET B 115 -16.15 0.14 -4.97
CA MET B 115 -14.80 0.46 -4.50
C MET B 115 -14.04 1.26 -5.53
N LEU B 116 -13.55 2.42 -5.11
CA LEU B 116 -12.70 3.26 -5.96
C LEU B 116 -11.28 2.69 -5.93
N VAL B 117 -10.78 2.28 -7.09
CA VAL B 117 -9.48 1.66 -7.16
C VAL B 117 -8.49 2.52 -7.97
N GLY B 118 -7.42 2.95 -7.31
CA GLY B 118 -6.36 3.68 -7.99
C GLY B 118 -5.25 2.72 -8.38
N ASN B 119 -5.20 2.39 -9.66
CA ASN B 119 -4.24 1.39 -10.14
C ASN B 119 -2.90 2.01 -10.51
N LYS B 120 -1.92 1.14 -10.79
CA LYS B 120 -0.57 1.55 -11.15
C LYS B 120 0.11 2.32 -10.03
N SER B 121 0.02 1.76 -8.82
CA SER B 121 0.64 2.36 -7.65
C SER B 121 2.16 2.28 -7.76
N ASP B 122 2.63 1.43 -8.66
CA ASP B 122 4.06 1.29 -8.93
C ASP B 122 4.65 2.54 -9.59
N LEU B 123 3.77 3.45 -10.01
CA LEU B 123 4.21 4.70 -10.62
C LEU B 123 4.01 5.87 -9.66
N ARG B 124 4.34 5.65 -8.39
CA ARG B 124 4.22 6.70 -7.38
C ARG B 124 5.05 7.92 -7.70
N HIS B 125 6.20 7.70 -8.32
CA HIS B 125 7.09 8.80 -8.69
C HIS B 125 6.50 9.66 -9.80
N LEU B 126 5.50 9.13 -10.49
CA LEU B 126 4.83 9.86 -11.55
C LEU B 126 3.37 10.13 -11.17
N ARG B 127 3.09 10.09 -9.88
CA ARG B 127 1.73 10.26 -9.36
C ARG B 127 1.11 11.59 -9.76
N ALA B 128 -0.14 11.56 -10.21
CA ALA B 128 -0.86 12.76 -10.57
C ALA B 128 -2.09 12.93 -9.69
N VAL B 129 -2.44 11.89 -8.96
CA VAL B 129 -3.60 11.92 -8.08
C VAL B 129 -3.20 11.63 -6.63
N PRO B 130 -3.22 12.66 -5.79
CA PRO B 130 -2.92 12.51 -4.36
C PRO B 130 -3.90 11.55 -3.71
N THR B 131 -3.38 10.61 -2.94
CA THR B 131 -4.21 9.55 -2.35
C THR B 131 -5.20 10.10 -1.32
N ASP B 132 -4.83 11.20 -0.67
CA ASP B 132 -5.73 11.82 0.30
C ASP B 132 -6.93 12.44 -0.39
N GLU B 133 -6.71 12.99 -1.59
CA GLU B 133 -7.77 13.58 -2.38
C GLU B 133 -8.72 12.50 -2.90
N ALA B 134 -8.14 11.39 -3.33
CA ALA B 134 -8.91 10.27 -3.85
C ALA B 134 -9.77 9.63 -2.75
N ARG B 135 -9.21 9.46 -1.57
CA ARG B 135 -9.95 8.90 -0.44
C ARG B 135 -11.05 9.85 0.01
N ALA B 136 -10.76 11.15 -0.03
CA ALA B 136 -11.73 12.18 0.32
C ALA B 136 -12.96 12.07 -0.57
N PHE B 137 -12.71 11.83 -1.86
CA PHE B 137 -13.77 11.64 -2.82
C PHE B 137 -14.54 10.38 -2.51
N ALA B 138 -13.81 9.33 -2.16
CA ALA B 138 -14.41 8.02 -1.89
C ALA B 138 -15.27 8.04 -0.64
N GLU B 139 -14.76 8.68 0.42
CA GLU B 139 -15.45 8.71 1.70
C GLU B 139 -16.75 9.52 1.61
N LYS B 140 -16.73 10.60 0.84
CA LYS B 140 -17.90 11.44 0.68
C LYS B 140 -19.01 10.72 -0.10
N ASN B 141 -18.61 9.90 -1.07
CA ASN B 141 -19.56 9.18 -1.92
C ASN B 141 -19.80 7.75 -1.48
N ASN B 142 -19.53 7.46 -0.20
CA ASN B 142 -19.69 6.13 0.36
C ASN B 142 -19.03 5.03 -0.44
N LEU B 143 -17.84 5.34 -0.99
CA LEU B 143 -17.08 4.38 -1.76
C LEU B 143 -15.92 3.83 -0.93
N SER B 144 -15.61 2.56 -1.14
CA SER B 144 -14.40 1.98 -0.59
C SER B 144 -13.23 2.50 -1.42
N PHE B 145 -12.04 2.52 -0.85
CA PHE B 145 -10.87 2.99 -1.59
C PHE B 145 -9.60 2.21 -1.28
N ILE B 146 -8.78 2.02 -2.30
CA ILE B 146 -7.51 1.34 -2.17
C ILE B 146 -6.67 1.59 -3.42
N GLU B 147 -5.36 1.68 -3.26
CA GLU B 147 -4.47 1.80 -4.40
C GLU B 147 -3.86 0.44 -4.71
N THR B 148 -3.84 0.10 -6.00
CA THR B 148 -3.35 -1.20 -6.42
C THR B 148 -2.29 -1.06 -7.50
N SER B 149 -1.58 -2.15 -7.75
CA SER B 149 -0.66 -2.22 -8.87
C SER B 149 -0.74 -3.61 -9.48
N ALA B 150 -1.44 -3.72 -10.61
CA ALA B 150 -1.55 -4.99 -11.32
C ALA B 150 -0.18 -5.47 -11.77
N LEU B 151 0.73 -4.54 -12.00
CA LEU B 151 2.08 -4.88 -12.45
C LEU B 151 2.81 -5.72 -11.41
N ASP B 152 3.05 -5.14 -10.23
CA ASP B 152 3.77 -5.86 -9.18
C ASP B 152 2.86 -6.51 -8.14
N SER B 153 1.59 -6.70 -8.50
CA SER B 153 0.61 -7.41 -7.67
C SER B 153 0.45 -6.84 -6.27
N THR B 154 0.19 -5.54 -6.17
CA THR B 154 0.01 -4.92 -4.86
C THR B 154 -1.45 -4.61 -4.58
N ASN B 155 -1.93 -5.12 -3.45
CA ASN B 155 -3.29 -4.89 -2.98
C ASN B 155 -4.40 -5.43 -3.89
N VAL B 156 -4.04 -6.15 -4.94
CA VAL B 156 -5.02 -6.72 -5.86
C VAL B 156 -5.89 -7.76 -5.15
N GLU B 157 -5.25 -8.73 -4.51
CA GLU B 157 -5.96 -9.71 -3.72
C GLU B 157 -6.73 -8.99 -2.62
N GLU B 158 -6.06 -8.03 -1.98
CA GLU B 158 -6.65 -7.26 -0.90
C GLU B 158 -7.86 -6.47 -1.35
N ALA B 159 -7.84 -6.00 -2.59
CA ALA B 159 -8.96 -5.23 -3.14
C ALA B 159 -10.17 -6.11 -3.34
N PHE B 160 -9.99 -7.18 -4.10
CA PHE B 160 -11.08 -8.09 -4.42
C PHE B 160 -11.64 -8.78 -3.18
N LYS B 161 -10.74 -9.26 -2.31
CA LYS B 161 -11.16 -9.90 -1.08
C LYS B 161 -11.93 -8.92 -0.20
N ASN B 162 -11.57 -7.65 -0.28
CA ASN B 162 -12.25 -6.61 0.49
C ASN B 162 -13.69 -6.44 0.03
N ILE B 163 -13.86 -6.24 -1.26
CA ILE B 163 -15.20 -5.99 -1.80
C ILE B 163 -16.08 -7.24 -1.73
N LEU B 164 -15.49 -8.41 -1.95
CA LEU B 164 -16.23 -9.66 -1.88
C LEU B 164 -16.68 -9.99 -0.46
N THR B 165 -15.95 -9.47 0.52
CA THR B 165 -16.30 -9.68 1.92
C THR B 165 -17.42 -8.74 2.34
N GLU B 166 -17.34 -7.49 1.88
CA GLU B 166 -18.36 -6.51 2.16
C GLU B 166 -19.70 -6.96 1.56
N ILE B 167 -19.64 -7.48 0.34
CA ILE B 167 -20.82 -8.02 -0.32
C ILE B 167 -21.39 -9.20 0.46
N TYR B 168 -20.51 -10.11 0.87
CA TYR B 168 -20.92 -11.30 1.61
C TYR B 168 -21.62 -10.96 2.92
N ARG B 169 -21.05 -10.03 3.67
CA ARG B 169 -21.62 -9.63 4.96
C ARG B 169 -23.02 -9.03 4.78
N ILE B 170 -23.20 -8.34 3.66
CA ILE B 170 -24.49 -7.75 3.32
C ILE B 170 -25.54 -8.82 3.03
N VAL B 171 -25.21 -9.75 2.15
CA VAL B 171 -26.16 -10.79 1.76
C VAL B 171 -26.40 -11.78 2.91
N SER B 172 -25.54 -11.72 3.93
CA SER B 172 -25.73 -12.52 5.14
C SER B 172 -26.75 -11.85 6.05
N GLN B 173 -27.98 -11.72 5.56
CA GLN B 173 -29.05 -11.07 6.31
C GLN B 173 -30.41 -11.67 5.96
N ARG C 10 33.30 9.51 38.25
CA ARG C 10 32.15 8.67 38.55
C ARG C 10 30.96 9.03 37.67
N GLU C 11 30.32 10.16 37.99
CA GLU C 11 29.18 10.63 37.23
C GLU C 11 29.60 11.62 36.15
N TYR C 12 30.73 12.30 36.40
CA TYR C 12 31.23 13.30 35.47
C TYR C 12 31.79 12.66 34.20
N HIS C 13 32.27 11.42 34.32
CA HIS C 13 32.80 10.71 33.17
C HIS C 13 31.68 10.32 32.21
N LEU C 14 30.57 9.86 32.77
CA LEU C 14 29.42 9.44 31.97
C LEU C 14 28.81 10.61 31.19
N LYS C 15 28.68 11.75 31.85
CA LYS C 15 28.14 12.95 31.20
C LYS C 15 29.09 13.50 30.15
N GLU C 16 30.38 13.39 30.41
CA GLU C 16 31.39 13.85 29.46
C GLU C 16 31.41 12.96 28.23
N LEU C 17 31.23 11.66 28.45
CA LEU C 17 31.18 10.70 27.35
C LEU C 17 30.00 10.97 26.40
N ARG C 18 28.82 11.16 26.98
CA ARG C 18 27.62 11.40 26.18
C ARG C 18 27.77 12.64 25.29
N GLU C 19 28.40 13.67 25.83
CA GLU C 19 28.64 14.90 25.07
C GLU C 19 29.50 14.60 23.86
N GLN C 20 30.54 13.78 24.05
CA GLN C 20 31.42 13.36 22.97
C GLN C 20 30.66 12.50 21.96
N LEU C 21 29.83 11.59 22.49
CA LEU C 21 29.02 10.71 21.68
C LEU C 21 28.06 11.53 20.83
N ALA C 22 27.45 12.52 21.45
CA ALA C 22 26.50 13.40 20.79
C ALA C 22 27.17 14.17 19.65
N LYS C 23 28.35 14.74 19.92
CA LYS C 23 29.03 15.56 18.94
C LYS C 23 29.52 14.76 17.73
N GLN C 24 29.96 13.53 17.98
CA GLN C 24 30.35 12.64 16.89
C GLN C 24 29.16 12.26 16.01
N THR C 25 28.00 12.08 16.65
CA THR C 25 26.77 11.78 15.92
C THR C 25 26.39 12.93 15.00
N VAL C 26 26.56 14.15 15.47
CA VAL C 26 26.32 15.34 14.65
C VAL C 26 27.26 15.36 13.46
N ALA C 27 28.52 14.98 13.71
CA ALA C 27 29.53 14.91 12.66
C ALA C 27 29.13 13.91 11.59
N ILE C 28 28.72 12.72 12.04
CA ILE C 28 28.31 11.65 11.13
C ILE C 28 27.14 12.09 10.23
N ALA C 29 26.15 12.74 10.82
CA ALA C 29 24.99 13.19 10.08
C ALA C 29 25.36 14.22 9.01
N GLU C 30 26.32 15.09 9.33
CA GLU C 30 26.76 16.12 8.40
C GLU C 30 27.52 15.51 7.23
N LEU C 31 28.37 14.53 7.54
CA LEU C 31 29.14 13.84 6.51
C LEU C 31 28.23 13.04 5.57
N THR C 32 27.28 12.32 6.16
CA THR C 32 26.36 11.50 5.38
C THR C 32 25.54 12.35 4.42
N GLU C 33 25.06 13.50 4.89
CA GLU C 33 24.25 14.37 4.07
C GLU C 33 25.05 14.87 2.86
N GLU C 34 26.30 15.25 3.12
CA GLU C 34 27.20 15.71 2.07
C GLU C 34 27.49 14.57 1.10
N LEU C 35 27.67 13.36 1.63
CA LEU C 35 27.97 12.19 0.81
C LEU C 35 26.77 11.80 -0.04
N GLN C 36 25.56 11.99 0.50
CA GLN C 36 24.33 11.80 -0.27
C GLN C 36 24.34 12.72 -1.49
N SER C 37 24.56 14.01 -1.24
CA SER C 37 24.51 15.01 -2.29
C SER C 37 25.58 14.76 -3.36
N LYS C 38 26.73 14.25 -2.94
CA LYS C 38 27.83 13.98 -3.86
C LYS C 38 27.48 12.84 -4.81
N CYS C 39 26.95 11.76 -4.25
CA CYS C 39 26.56 10.60 -5.06
C CYS C 39 25.51 10.96 -6.09
N ILE C 40 24.54 11.78 -5.69
CA ILE C 40 23.45 12.17 -6.57
C ILE C 40 23.96 12.98 -7.75
N GLN C 41 24.79 13.98 -7.49
CA GLN C 41 25.31 14.84 -8.55
C GLN C 41 26.38 14.13 -9.38
N LEU C 42 26.91 13.02 -8.86
CA LEU C 42 27.86 12.22 -9.61
C LEU C 42 27.11 11.34 -10.61
N ASN C 43 26.00 10.76 -10.16
CA ASN C 43 25.15 9.92 -11.00
C ASN C 43 24.47 10.74 -12.10
N LYS C 44 24.34 12.04 -11.86
CA LYS C 44 23.79 12.95 -12.85
C LYS C 44 24.78 13.13 -13.99
N LEU C 45 26.03 12.78 -13.73
CA LEU C 45 27.07 12.81 -14.75
C LEU C 45 27.32 11.41 -15.29
N GLN C 46 28.27 10.70 -14.71
CA GLN C 46 28.58 9.33 -15.10
C GLN C 46 28.23 8.35 -13.99
N TYR D 12 -23.83 -6.74 -44.13
CA TYR D 12 -25.09 -7.44 -44.40
C TYR D 12 -25.57 -8.22 -43.18
N HIS D 13 -25.27 -9.51 -43.15
CA HIS D 13 -25.69 -10.38 -42.06
C HIS D 13 -24.71 -10.38 -40.90
N LEU D 14 -24.11 -9.22 -40.63
CA LEU D 14 -23.19 -9.07 -39.51
C LEU D 14 -23.89 -8.29 -38.39
N LYS D 15 -24.88 -7.50 -38.78
CA LYS D 15 -25.67 -6.74 -37.82
C LYS D 15 -26.52 -7.66 -36.96
N GLU D 16 -26.89 -8.79 -37.52
CA GLU D 16 -27.67 -9.80 -36.80
C GLU D 16 -26.80 -10.45 -35.72
N LEU D 17 -25.51 -10.60 -36.02
CA LEU D 17 -24.58 -11.19 -35.06
C LEU D 17 -24.36 -10.29 -33.85
N ARG D 18 -24.31 -8.99 -34.11
CA ARG D 18 -24.11 -8.01 -33.05
C ARG D 18 -25.27 -8.02 -32.05
N GLU D 19 -26.49 -8.11 -32.59
CA GLU D 19 -27.69 -8.12 -31.75
C GLU D 19 -27.76 -9.39 -30.93
N GLN D 20 -27.30 -10.49 -31.52
CA GLN D 20 -27.34 -11.79 -30.86
C GLN D 20 -26.34 -11.86 -29.72
N LEU D 21 -25.18 -11.24 -29.90
CA LEU D 21 -24.19 -11.17 -28.85
C LEU D 21 -24.77 -10.40 -27.67
N ALA D 22 -25.51 -9.35 -27.99
CA ALA D 22 -26.17 -8.53 -26.99
C ALA D 22 -27.21 -9.34 -26.22
N LYS D 23 -28.02 -10.10 -26.95
CA LYS D 23 -29.07 -10.92 -26.35
C LYS D 23 -28.50 -11.98 -25.42
N GLN D 24 -27.35 -12.53 -25.80
CA GLN D 24 -26.71 -13.58 -24.99
C GLN D 24 -26.13 -13.05 -23.68
N THR D 25 -25.59 -11.83 -23.71
CA THR D 25 -25.07 -11.20 -22.51
C THR D 25 -26.19 -11.02 -21.50
N VAL D 26 -27.34 -10.54 -21.97
CA VAL D 26 -28.52 -10.38 -21.14
C VAL D 26 -28.91 -11.73 -20.52
N ALA D 27 -28.86 -12.78 -21.34
CA ALA D 27 -29.18 -14.13 -20.88
C ALA D 27 -28.20 -14.59 -19.80
N ILE D 28 -26.92 -14.31 -20.00
CA ILE D 28 -25.89 -14.64 -19.02
C ILE D 28 -26.15 -13.89 -17.71
N ALA D 29 -26.49 -12.61 -17.84
CA ALA D 29 -26.79 -11.78 -16.68
C ALA D 29 -27.98 -12.33 -15.90
N GLU D 30 -29.02 -12.74 -16.60
CA GLU D 30 -30.20 -13.31 -15.97
C GLU D 30 -29.88 -14.62 -15.27
N LEU D 31 -29.14 -15.48 -15.95
CA LEU D 31 -28.72 -16.76 -15.39
C LEU D 31 -27.90 -16.57 -14.11
N THR D 32 -26.95 -15.64 -14.17
CA THR D 32 -26.11 -15.33 -13.02
C THR D 32 -26.96 -14.87 -11.84
N GLU D 33 -27.82 -13.91 -12.11
CA GLU D 33 -28.71 -13.32 -11.11
C GLU D 33 -29.53 -14.40 -10.39
N GLU D 34 -30.07 -15.33 -11.15
CA GLU D 34 -30.91 -16.39 -10.59
C GLU D 34 -30.11 -17.41 -9.81
N LEU D 35 -28.93 -17.75 -10.31
CA LEU D 35 -28.01 -18.62 -9.59
C LEU D 35 -27.65 -17.99 -8.26
N GLN D 36 -27.26 -16.72 -8.33
CA GLN D 36 -26.89 -15.92 -7.16
C GLN D 36 -28.03 -15.93 -6.15
N SER D 37 -29.25 -15.76 -6.64
CA SER D 37 -30.43 -15.75 -5.78
C SER D 37 -30.69 -17.13 -5.18
N LYS D 38 -30.56 -18.17 -6.00
CA LYS D 38 -30.81 -19.53 -5.54
C LYS D 38 -29.80 -19.97 -4.48
N CYS D 39 -28.55 -19.56 -4.64
CA CYS D 39 -27.50 -19.90 -3.68
C CYS D 39 -27.80 -19.29 -2.32
N ILE D 40 -28.27 -18.04 -2.34
CA ILE D 40 -28.63 -17.34 -1.12
C ILE D 40 -29.77 -18.05 -0.41
N GLN D 41 -30.73 -18.55 -1.19
CA GLN D 41 -31.84 -19.30 -0.62
C GLN D 41 -31.38 -20.65 -0.07
N LEU D 42 -30.44 -21.27 -0.77
CA LEU D 42 -29.92 -22.58 -0.38
C LEU D 42 -29.26 -22.57 1.00
N ASN D 43 -28.64 -21.46 1.36
CA ASN D 43 -28.06 -21.33 2.70
C ASN D 43 -29.14 -21.02 3.73
N LYS D 44 -30.03 -21.98 3.96
CA LYS D 44 -31.12 -21.82 4.92
C LYS D 44 -31.70 -23.17 5.33
#